data_3WQO
#
_entry.id   3WQO
#
_cell.length_a   97.052
_cell.length_b   102.387
_cell.length_c   132.247
_cell.angle_alpha   90.00
_cell.angle_beta   90.00
_cell.angle_gamma   90.00
#
_symmetry.space_group_name_H-M   'I 21 21 21'
#
loop_
_entity.id
_entity.type
_entity.pdbx_description
1 polymer 'Uncharacterized protein MJ1311'
2 non-polymer 'MANGANESE (II) ION'
3 water water
#
_entity_poly.entity_id   1
_entity_poly.type   'polypeptide(L)'
_entity_poly.pdbx_seq_one_letter_code
;MKRKTKLDKKSKWVLDMKFGVSSLVFLPESLTSSMEKIAEHNFDAWEIVCEGTHYLSPKNIKYLMELRDRYEVEIVVHAP
FSDLNPASMNERVRKLTVECIRDAIEGAFELDSEVVVVHPGYIPELWSNYVSEILDNNFSTLSEIVEIAEDYGIKIGLEN
MPNFRGVLGITPESLLEIVKDIDSKNLGITFDIGHANTAGNPAEFVEKLQNIGIGIIHVHAHDNNGYDDEHLKIGEGNIN
FIEVLEKLKEIGYDGVISIENKNIRDAVKSKEILKEYLEIVNEKVAEKEKIEE
;
_entity_poly.pdbx_strand_id   A,B
#
loop_
_chem_comp.id
_chem_comp.type
_chem_comp.name
_chem_comp.formula
MN non-polymer 'MANGANESE (II) ION' 'Mn 2'
#
# COMPACT_ATOMS: atom_id res chain seq x y z
N ASP A 16 -13.87 -14.07 -33.04
CA ASP A 16 -12.76 -13.09 -33.20
C ASP A 16 -12.54 -12.21 -31.96
N MET A 17 -11.34 -11.65 -31.86
CA MET A 17 -10.95 -10.83 -30.73
C MET A 17 -11.22 -9.35 -31.00
N LYS A 18 -11.77 -8.67 -30.01
CA LYS A 18 -12.08 -7.25 -30.09
C LYS A 18 -10.94 -6.47 -29.45
N PHE A 19 -10.69 -5.26 -29.95
CA PHE A 19 -9.65 -4.42 -29.36
C PHE A 19 -10.26 -3.26 -28.58
N GLY A 20 -9.75 -3.02 -27.38
CA GLY A 20 -10.25 -1.94 -26.54
C GLY A 20 -9.17 -1.02 -26.04
N VAL A 21 -9.58 0.04 -25.36
CA VAL A 21 -8.64 0.96 -24.69
C VAL A 21 -9.07 1.21 -23.23
N SER A 22 -8.09 1.30 -22.34
CA SER A 22 -8.36 1.65 -20.96
C SER A 22 -8.52 3.16 -20.85
N SER A 23 -9.43 3.54 -19.98
CA SER A 23 -9.77 4.90 -19.72
C SER A 23 -8.64 5.69 -19.11
N LEU A 24 -7.58 5.04 -18.69
CA LEU A 24 -6.52 5.78 -18.04
C LEU A 24 -5.61 6.51 -19.00
N VAL A 25 -5.70 6.19 -20.27
CA VAL A 25 -4.99 6.96 -21.26
C VAL A 25 -5.34 8.42 -21.09
N PHE A 26 -6.36 8.71 -20.29
CA PHE A 26 -6.65 10.12 -20.02
C PHE A 26 -6.76 10.55 -18.55
N LEU A 27 -6.84 9.60 -17.60
CA LEU A 27 -6.80 9.93 -16.17
C LEU A 27 -5.69 10.95 -15.87
N PRO A 28 -5.97 11.96 -15.03
CA PRO A 28 -7.16 12.23 -14.22
C PRO A 28 -8.12 13.26 -14.83
N GLU A 29 -8.25 13.29 -16.15
CA GLU A 29 -9.25 14.15 -16.79
C GLU A 29 -10.68 13.72 -16.44
N SER A 30 -11.63 14.62 -16.62
CA SER A 30 -13.05 14.29 -16.57
C SER A 30 -13.34 13.02 -17.37
N LEU A 31 -14.35 12.27 -16.94
CA LEU A 31 -14.82 11.17 -17.75
C LEU A 31 -15.39 11.66 -19.07
N THR A 32 -15.94 12.87 -19.08
CA THR A 32 -16.51 13.44 -20.30
C THR A 32 -15.42 13.69 -21.34
N SER A 33 -14.46 14.57 -21.03
CA SER A 33 -13.37 14.86 -21.97
C SER A 33 -12.65 13.57 -22.40
N SER A 34 -12.27 12.74 -21.43
CA SER A 34 -11.66 11.42 -21.67
C SER A 34 -12.39 10.61 -22.75
N MET A 35 -13.69 10.40 -22.54
CA MET A 35 -14.48 9.52 -23.40
C MET A 35 -14.86 10.14 -24.73
N GLU A 36 -15.14 11.44 -24.76
CA GLU A 36 -15.40 12.11 -26.03
C GLU A 36 -14.16 12.00 -26.93
N LYS A 37 -12.99 12.13 -26.31
CA LYS A 37 -11.70 11.96 -26.99
C LYS A 37 -11.49 10.51 -27.42
N ILE A 38 -11.89 9.56 -26.56
CA ILE A 38 -11.78 8.13 -26.88
C ILE A 38 -12.76 7.74 -27.99
N ALA A 39 -13.98 8.28 -27.93
CA ALA A 39 -15.08 7.93 -28.83
C ALA A 39 -14.77 8.10 -30.32
N GLU A 40 -13.98 9.12 -30.66
CA GLU A 40 -13.68 9.40 -32.06
C GLU A 40 -12.65 8.46 -32.70
N HIS A 41 -12.02 7.62 -31.90
CA HIS A 41 -11.20 6.53 -32.42
C HIS A 41 -12.04 5.28 -32.45
N ASN A 42 -11.59 4.23 -33.13
CA ASN A 42 -12.48 3.11 -33.42
C ASN A 42 -12.21 1.85 -32.63
N PHE A 43 -12.47 1.90 -31.33
CA PHE A 43 -12.27 0.74 -30.45
C PHE A 43 -13.55 -0.07 -30.31
N ASP A 44 -13.39 -1.39 -30.18
CA ASP A 44 -14.51 -2.30 -30.09
C ASP A 44 -15.05 -2.36 -28.67
N ALA A 45 -14.19 -2.01 -27.71
CA ALA A 45 -14.57 -1.99 -26.31
C ALA A 45 -13.92 -0.81 -25.58
N TRP A 46 -14.53 -0.37 -24.48
CA TRP A 46 -13.93 0.61 -23.59
C TRP A 46 -13.78 0.03 -22.22
N GLU A 47 -12.59 0.14 -21.64
CA GLU A 47 -12.36 -0.32 -20.26
C GLU A 47 -12.28 0.88 -19.31
N ILE A 48 -13.27 1.00 -18.45
CA ILE A 48 -13.38 2.14 -17.55
C ILE A 48 -12.77 1.75 -16.22
N VAL A 49 -11.69 2.42 -15.82
CA VAL A 49 -11.10 2.09 -14.53
C VAL A 49 -11.79 2.91 -13.44
N CYS A 50 -12.31 2.19 -12.46
CA CYS A 50 -13.18 2.76 -11.46
C CYS A 50 -12.36 3.42 -10.36
N GLU A 51 -11.67 4.50 -10.73
CA GLU A 51 -10.81 5.27 -9.80
C GLU A 51 -10.90 6.77 -10.06
N GLY A 52 -10.79 7.57 -9.01
CA GLY A 52 -10.78 9.03 -9.12
C GLY A 52 -11.98 9.57 -9.86
N THR A 53 -11.71 10.41 -10.88
CA THR A 53 -12.78 11.06 -11.64
C THR A 53 -13.55 10.08 -12.52
N HIS A 54 -12.98 8.90 -12.77
CA HIS A 54 -13.65 7.88 -13.60
C HIS A 54 -14.47 6.90 -12.80
N TYR A 55 -14.51 7.11 -11.48
CA TYR A 55 -15.25 6.24 -10.58
C TYR A 55 -16.71 6.13 -11.02
N LEU A 56 -17.27 4.93 -10.86
CA LEU A 56 -18.65 4.66 -11.31
C LEU A 56 -19.70 5.31 -10.40
N SER A 57 -19.77 6.63 -10.44
CA SER A 57 -20.75 7.41 -9.71
C SER A 57 -22.08 7.37 -10.47
N PRO A 58 -23.19 7.80 -9.82
CA PRO A 58 -24.45 7.88 -10.56
C PRO A 58 -24.36 8.75 -11.80
N LYS A 59 -23.65 9.88 -11.72
CA LYS A 59 -23.46 10.78 -12.86
C LYS A 59 -22.63 10.13 -13.98
N ASN A 60 -21.59 9.40 -13.60
CA ASN A 60 -20.75 8.71 -14.56
C ASN A 60 -21.47 7.53 -15.21
N ILE A 61 -22.14 6.70 -14.42
CA ILE A 61 -22.89 5.57 -14.96
C ILE A 61 -23.95 6.03 -15.95
N LYS A 62 -24.64 7.12 -15.64
CA LYS A 62 -25.70 7.64 -16.49
C LYS A 62 -25.16 8.28 -17.77
N TYR A 63 -24.00 8.91 -17.66
CA TYR A 63 -23.31 9.46 -18.82
C TYR A 63 -22.84 8.34 -19.74
N LEU A 64 -22.22 7.32 -19.16
CA LEU A 64 -21.72 6.18 -19.94
C LEU A 64 -22.84 5.42 -20.63
N MET A 65 -23.99 5.28 -19.98
CA MET A 65 -25.14 4.63 -20.60
C MET A 65 -25.55 5.34 -21.88
N GLU A 66 -25.72 6.66 -21.77
CA GLU A 66 -26.03 7.51 -22.91
C GLU A 66 -24.98 7.39 -24.02
N LEU A 67 -23.71 7.41 -23.63
CA LEU A 67 -22.61 7.32 -24.59
C LEU A 67 -22.55 5.93 -25.23
N ARG A 68 -22.88 4.89 -24.46
CA ARG A 68 -22.89 3.51 -24.96
C ARG A 68 -24.11 3.25 -25.87
N ASP A 69 -25.05 4.18 -25.90
CA ASP A 69 -26.20 4.07 -26.82
C ASP A 69 -25.98 4.83 -28.13
N ARG A 70 -25.07 5.80 -28.11
CA ARG A 70 -24.67 6.52 -29.32
C ARG A 70 -23.70 5.64 -30.11
N TYR A 71 -22.67 5.16 -29.43
CA TYR A 71 -21.70 4.24 -30.02
C TYR A 71 -22.05 2.84 -29.56
N GLU A 72 -22.24 1.92 -30.50
CA GLU A 72 -22.46 0.53 -30.14
C GLU A 72 -21.11 -0.09 -29.76
N VAL A 73 -20.73 0.09 -28.49
CA VAL A 73 -19.47 -0.44 -27.98
C VAL A 73 -19.67 -1.27 -26.71
N GLU A 74 -18.69 -2.11 -26.42
CA GLU A 74 -18.75 -2.95 -25.24
C GLU A 74 -17.98 -2.30 -24.10
N ILE A 75 -18.53 -2.37 -22.89
CA ILE A 75 -17.82 -1.84 -21.73
C ILE A 75 -17.34 -2.94 -20.79
N VAL A 76 -16.05 -2.96 -20.51
CA VAL A 76 -15.52 -3.70 -19.36
C VAL A 76 -15.07 -2.70 -18.30
N VAL A 77 -15.25 -3.07 -17.03
CA VAL A 77 -14.86 -2.16 -15.94
C VAL A 77 -13.76 -2.74 -15.07
N HIS A 78 -12.81 -1.88 -14.71
CA HIS A 78 -11.73 -2.23 -13.81
C HIS A 78 -12.11 -1.73 -12.43
N ALA A 79 -12.30 -2.65 -11.49
CA ALA A 79 -12.54 -2.28 -10.09
C ALA A 79 -11.42 -1.39 -9.54
N PRO A 80 -11.69 -0.64 -8.49
CA PRO A 80 -10.67 0.12 -7.80
C PRO A 80 -9.68 -0.79 -7.09
N PHE A 81 -8.43 -0.39 -7.05
CA PHE A 81 -7.40 -1.23 -6.48
C PHE A 81 -6.51 -0.52 -5.52
N SER A 82 -6.46 0.77 -5.69
CA SER A 82 -5.40 1.59 -5.22
C SER A 82 -5.57 1.96 -3.79
N ASP A 83 -4.55 1.70 -2.98
CA ASP A 83 -4.62 1.91 -1.53
C ASP A 83 -5.61 0.98 -0.82
N LEU A 84 -6.10 -0.01 -1.56
CA LEU A 84 -6.92 -1.07 -1.00
C LEU A 84 -6.06 -2.33 -0.93
N ASN A 85 -6.42 -3.26 -0.04
CA ASN A 85 -5.75 -4.55 0.02
C ASN A 85 -6.73 -5.66 0.45
N PRO A 86 -7.14 -6.49 -0.53
CA PRO A 86 -8.08 -7.58 -0.25
C PRO A 86 -7.47 -8.63 0.68
N ALA A 87 -6.14 -8.60 0.84
CA ALA A 87 -5.43 -9.62 1.59
C ALA A 87 -5.05 -9.12 2.98
N SER A 88 -5.57 -7.95 3.35
CA SER A 88 -5.12 -7.24 4.55
C SER A 88 -5.50 -7.95 5.86
N MET A 89 -4.58 -7.82 6.83
CA MET A 89 -4.82 -8.24 8.21
C MET A 89 -5.83 -7.36 8.91
N ASN A 90 -5.95 -6.13 8.42
CA ASN A 90 -6.90 -5.15 8.92
C ASN A 90 -8.28 -5.41 8.32
N GLU A 91 -9.19 -5.89 9.17
CA GLU A 91 -10.53 -6.27 8.71
C GLU A 91 -11.28 -5.11 8.06
N ARG A 92 -11.13 -3.92 8.61
CA ARG A 92 -11.79 -2.73 8.06
C ARG A 92 -11.28 -2.37 6.66
N VAL A 93 -9.96 -2.49 6.45
CA VAL A 93 -9.37 -2.33 5.11
C VAL A 93 -9.93 -3.36 4.14
N ARG A 94 -10.01 -4.61 4.61
CA ARG A 94 -10.60 -5.72 3.86
C ARG A 94 -12.06 -5.43 3.46
N LYS A 95 -12.82 -4.88 4.41
CA LYS A 95 -14.23 -4.60 4.21
C LYS A 95 -14.44 -3.43 3.25
N LEU A 96 -13.64 -2.37 3.42
CA LEU A 96 -13.65 -1.25 2.51
C LEU A 96 -13.29 -1.70 1.09
N THR A 97 -12.40 -2.67 0.99
CA THR A 97 -12.00 -3.18 -0.30
C THR A 97 -13.18 -3.86 -1.01
N VAL A 98 -13.97 -4.66 -0.27
CA VAL A 98 -15.16 -5.27 -0.87
C VAL A 98 -16.22 -4.21 -1.18
N GLU A 99 -16.41 -3.25 -0.28
CA GLU A 99 -17.36 -2.15 -0.54
C GLU A 99 -17.04 -1.43 -1.86
N CYS A 100 -15.76 -1.12 -2.08
CA CYS A 100 -15.34 -0.39 -3.28
C CYS A 100 -15.49 -1.25 -4.52
N ILE A 101 -15.17 -2.54 -4.39
CA ILE A 101 -15.33 -3.45 -5.52
C ILE A 101 -16.81 -3.71 -5.79
N ARG A 102 -17.61 -3.80 -4.74
CA ARG A 102 -19.07 -3.87 -4.89
C ARG A 102 -19.59 -2.74 -5.78
N ASP A 103 -19.23 -1.50 -5.46
CA ASP A 103 -19.54 -0.34 -6.33
C ASP A 103 -19.29 -0.64 -7.80
N ALA A 104 -18.09 -1.14 -8.10
CA ALA A 104 -17.70 -1.42 -9.48
C ALA A 104 -18.52 -2.53 -10.13
N ILE A 105 -18.79 -3.59 -9.37
CA ILE A 105 -19.64 -4.68 -9.85
C ILE A 105 -21.05 -4.15 -10.12
N GLU A 106 -21.55 -3.28 -9.25
CA GLU A 106 -22.87 -2.69 -9.42
C GLU A 106 -22.93 -1.76 -10.64
N GLY A 107 -21.87 -0.98 -10.87
CA GLY A 107 -21.80 -0.09 -12.03
C GLY A 107 -21.75 -0.87 -13.33
N ALA A 108 -20.96 -1.95 -13.29
CA ALA A 108 -20.84 -2.90 -14.40
C ALA A 108 -22.20 -3.45 -14.83
N PHE A 109 -22.99 -3.88 -13.84
CA PHE A 109 -24.32 -4.44 -14.06
C PHE A 109 -25.26 -3.45 -14.74
N GLU A 110 -25.23 -2.20 -14.28
CA GLU A 110 -26.03 -1.13 -14.85
C GLU A 110 -25.55 -0.74 -16.25
N LEU A 111 -24.27 -1.00 -16.53
CA LEU A 111 -23.66 -0.70 -17.82
C LEU A 111 -23.75 -1.87 -18.79
N ASP A 112 -24.31 -2.99 -18.32
CA ASP A 112 -24.38 -4.23 -19.10
C ASP A 112 -23.03 -4.88 -19.40
N SER A 113 -22.03 -4.62 -18.55
CA SER A 113 -20.71 -5.24 -18.63
C SER A 113 -20.78 -6.70 -18.24
N GLU A 114 -20.04 -7.55 -18.95
CA GLU A 114 -19.91 -8.97 -18.56
C GLU A 114 -18.78 -9.20 -17.56
N VAL A 115 -17.77 -8.33 -17.58
CA VAL A 115 -16.49 -8.55 -16.87
C VAL A 115 -16.09 -7.39 -15.95
N VAL A 116 -15.74 -7.71 -14.71
CA VAL A 116 -15.07 -6.74 -13.85
C VAL A 116 -13.66 -7.24 -13.56
N VAL A 117 -12.66 -6.40 -13.85
CA VAL A 117 -11.25 -6.72 -13.54
C VAL A 117 -10.95 -6.41 -12.06
N VAL A 118 -10.22 -7.31 -11.41
CA VAL A 118 -9.96 -7.23 -9.96
C VAL A 118 -8.49 -7.58 -9.65
N HIS A 119 -7.89 -6.89 -8.67
CA HIS A 119 -6.47 -7.08 -8.32
C HIS A 119 -6.28 -8.02 -7.16
N PRO A 120 -5.27 -8.91 -7.24
CA PRO A 120 -4.84 -9.63 -6.05
C PRO A 120 -4.27 -8.69 -4.99
N GLY A 121 -4.20 -9.17 -3.75
CA GLY A 121 -3.71 -8.36 -2.66
C GLY A 121 -2.21 -8.25 -2.57
N TYR A 122 -1.76 -7.87 -1.38
CA TYR A 122 -0.38 -7.49 -1.13
C TYR A 122 0.05 -7.96 0.27
N ILE A 123 1.29 -8.44 0.40
CA ILE A 123 1.83 -8.77 1.72
C ILE A 123 2.60 -7.56 2.29
N PRO A 124 2.06 -6.91 3.34
CA PRO A 124 2.81 -5.80 3.95
C PRO A 124 4.00 -6.32 4.72
N GLU A 125 5.03 -5.48 4.86
CA GLU A 125 6.25 -5.86 5.55
C GLU A 125 5.98 -6.41 6.95
N LEU A 126 5.07 -5.76 7.68
CA LEU A 126 4.77 -6.11 9.07
C LEU A 126 4.38 -7.57 9.24
N TRP A 127 3.72 -8.12 8.22
CA TRP A 127 3.13 -9.45 8.27
C TRP A 127 3.84 -10.42 7.34
N SER A 128 5.10 -10.18 7.07
CA SER A 128 5.93 -11.04 6.23
C SER A 128 5.90 -12.49 6.59
N ASN A 129 5.71 -12.76 7.85
CA ASN A 129 5.69 -14.07 8.40
C ASN A 129 4.27 -14.46 8.66
N TYR A 130 3.37 -14.17 7.74
CA TYR A 130 1.99 -14.55 7.90
C TYR A 130 1.47 -14.81 6.53
N VAL A 131 2.25 -15.44 5.70
CA VAL A 131 1.84 -15.64 4.34
C VAL A 131 0.57 -16.44 4.20
N SER A 132 0.57 -17.61 4.80
CA SER A 132 -0.60 -18.50 4.76
C SER A 132 -1.90 -17.79 5.18
N GLU A 133 -1.85 -17.11 6.31
CA GLU A 133 -2.97 -16.33 6.83
C GLU A 133 -3.36 -15.18 5.87
N ILE A 134 -2.38 -14.56 5.23
CA ILE A 134 -2.66 -13.49 4.27
C ILE A 134 -3.38 -13.98 3.01
N LEU A 135 -3.02 -15.15 2.52
CA LEU A 135 -3.70 -15.76 1.39
C LEU A 135 -5.14 -16.11 1.75
N ASP A 136 -5.33 -16.64 2.96
CA ASP A 136 -6.68 -16.90 3.48
C ASP A 136 -7.54 -15.63 3.41
N ASN A 137 -6.96 -14.50 3.84
CA ASN A 137 -7.61 -13.21 3.78
C ASN A 137 -8.08 -12.89 2.37
N ASN A 138 -7.15 -12.99 1.41
CA ASN A 138 -7.45 -12.72 0.01
C ASN A 138 -8.54 -13.67 -0.53
N PHE A 139 -8.51 -14.94 -0.08
CA PHE A 139 -9.55 -15.92 -0.41
C PHE A 139 -10.94 -15.49 0.09
N SER A 140 -11.01 -15.02 1.34
CA SER A 140 -12.27 -14.51 1.92
C SER A 140 -12.82 -13.35 1.11
N THR A 141 -11.96 -12.39 0.80
CA THR A 141 -12.36 -11.22 0.04
C THR A 141 -12.91 -11.67 -1.31
N LEU A 142 -12.17 -12.56 -1.98
CA LEU A 142 -12.56 -13.06 -3.30
C LEU A 142 -13.92 -13.74 -3.25
N SER A 143 -14.11 -14.57 -2.22
CA SER A 143 -15.37 -15.30 -2.04
C SER A 143 -16.53 -14.32 -2.00
N GLU A 144 -16.37 -13.29 -1.19
CA GLU A 144 -17.39 -12.28 -0.97
C GLU A 144 -17.70 -11.59 -2.30
N ILE A 145 -16.66 -11.29 -3.05
CA ILE A 145 -16.76 -10.52 -4.29
C ILE A 145 -17.35 -11.35 -5.43
N VAL A 146 -17.00 -12.64 -5.46
CA VAL A 146 -17.51 -13.59 -6.43
C VAL A 146 -18.99 -13.80 -6.19
N GLU A 147 -19.37 -13.90 -4.91
CA GLU A 147 -20.77 -14.06 -4.54
C GLU A 147 -21.63 -12.88 -5.02
N ILE A 148 -21.09 -11.68 -4.88
CA ILE A 148 -21.75 -10.45 -5.33
C ILE A 148 -21.87 -10.49 -6.84
N ALA A 149 -20.78 -10.89 -7.50
CA ALA A 149 -20.76 -11.04 -8.95
C ALA A 149 -21.84 -12.02 -9.46
N GLU A 150 -22.00 -13.13 -8.75
CA GLU A 150 -23.00 -14.13 -9.12
C GLU A 150 -24.42 -13.56 -9.08
N ASP A 151 -24.69 -12.72 -8.10
CA ASP A 151 -26.00 -12.10 -7.97
C ASP A 151 -26.34 -11.18 -9.13
N TYR A 152 -25.29 -10.66 -9.79
CA TYR A 152 -25.45 -9.66 -10.83
C TYR A 152 -25.20 -10.19 -12.24
N GLY A 153 -24.82 -11.46 -12.34
CA GLY A 153 -24.49 -12.06 -13.62
C GLY A 153 -23.18 -11.51 -14.12
N ILE A 154 -22.27 -11.20 -13.21
CA ILE A 154 -20.99 -10.58 -13.55
C ILE A 154 -19.85 -11.57 -13.37
N LYS A 155 -18.87 -11.51 -14.27
CA LYS A 155 -17.71 -12.37 -14.21
C LYS A 155 -16.53 -11.59 -13.67
N ILE A 156 -15.85 -12.16 -12.68
CA ILE A 156 -14.64 -11.55 -12.12
C ILE A 156 -13.40 -12.02 -12.88
N GLY A 157 -12.62 -11.06 -13.37
CA GLY A 157 -11.33 -11.38 -13.98
C GLY A 157 -10.20 -11.00 -13.06
N LEU A 158 -9.74 -11.96 -12.26
CA LEU A 158 -8.60 -11.78 -11.37
C LEU A 158 -7.32 -11.57 -12.19
N GLU A 159 -6.64 -10.46 -11.97
CA GLU A 159 -5.54 -10.02 -12.83
C GLU A 159 -4.18 -10.44 -12.30
N ASN A 160 -3.36 -11.08 -13.14
CA ASN A 160 -1.99 -11.40 -12.75
C ASN A 160 -1.16 -10.12 -12.61
N MET A 161 -0.30 -10.07 -11.59
CA MET A 161 0.37 -8.81 -11.19
C MET A 161 1.85 -8.67 -11.65
N PRO A 162 2.38 -7.43 -11.67
CA PRO A 162 3.80 -7.23 -12.02
C PRO A 162 4.73 -7.80 -10.97
N ASN A 163 5.96 -8.10 -11.39
CA ASN A 163 6.94 -8.76 -10.54
C ASN A 163 7.48 -7.81 -9.50
N PHE A 164 6.78 -7.75 -8.38
CA PHE A 164 7.10 -6.77 -7.36
C PHE A 164 7.00 -7.43 -6.00
N ARG A 165 8.04 -7.22 -5.18
CA ARG A 165 8.11 -7.80 -3.85
C ARG A 165 6.86 -7.56 -3.00
N GLY A 166 6.26 -8.64 -2.52
CA GLY A 166 5.10 -8.52 -1.66
C GLY A 166 3.76 -8.64 -2.36
N VAL A 167 3.72 -8.48 -3.68
CA VAL A 167 2.43 -8.58 -4.35
C VAL A 167 2.10 -10.03 -4.67
N LEU A 168 0.81 -10.37 -4.56
CA LEU A 168 0.33 -11.71 -4.80
C LEU A 168 -0.14 -11.82 -6.25
N GLY A 169 -0.30 -13.04 -6.73
CA GLY A 169 -0.77 -13.27 -8.07
C GLY A 169 0.14 -12.86 -9.20
N ILE A 170 1.46 -12.88 -8.97
CA ILE A 170 2.43 -12.62 -10.02
C ILE A 170 2.42 -13.82 -10.98
N THR A 171 2.45 -15.02 -10.41
CA THR A 171 2.51 -16.28 -11.16
C THR A 171 1.12 -16.94 -11.17
N PRO A 172 0.89 -17.94 -12.06
CA PRO A 172 -0.37 -18.69 -11.99
C PRO A 172 -0.56 -19.45 -10.68
N GLU A 173 0.50 -20.04 -10.14
CA GLU A 173 0.35 -20.81 -8.90
C GLU A 173 0.09 -19.95 -7.65
N SER A 174 0.48 -18.68 -7.67
CA SER A 174 0.12 -17.79 -6.58
C SER A 174 -1.36 -17.37 -6.69
N LEU A 175 -1.82 -17.14 -7.91
CA LEU A 175 -3.23 -16.95 -8.23
C LEU A 175 -4.06 -18.13 -7.72
N LEU A 176 -3.60 -19.36 -7.96
CA LEU A 176 -4.26 -20.57 -7.44
C LEU A 176 -4.36 -20.58 -5.92
N GLU A 177 -3.36 -20.01 -5.25
CA GLU A 177 -3.39 -19.96 -3.78
C GLU A 177 -4.44 -18.97 -3.25
N ILE A 178 -4.85 -18.02 -4.08
CA ILE A 178 -5.95 -17.10 -3.73
C ILE A 178 -7.31 -17.73 -4.04
N VAL A 179 -7.39 -18.40 -5.19
CA VAL A 179 -8.63 -19.03 -5.63
C VAL A 179 -9.00 -20.23 -4.76
N LYS A 180 -8.03 -21.06 -4.44
CA LYS A 180 -8.27 -22.30 -3.68
C LYS A 180 -9.41 -23.09 -4.33
N ASP A 181 -10.46 -23.35 -3.55
CA ASP A 181 -11.54 -24.23 -4.00
C ASP A 181 -12.81 -23.50 -4.48
N ILE A 182 -12.76 -22.17 -4.60
CA ILE A 182 -13.88 -21.43 -5.20
C ILE A 182 -14.29 -22.15 -6.49
N ASP A 183 -15.54 -22.62 -6.52
CA ASP A 183 -16.08 -23.31 -7.67
C ASP A 183 -17.20 -22.46 -8.25
N SER A 184 -16.87 -21.65 -9.24
CA SER A 184 -17.81 -20.64 -9.71
C SER A 184 -17.73 -20.40 -11.20
N LYS A 185 -18.89 -20.32 -11.83
CA LYS A 185 -19.01 -19.92 -13.22
C LYS A 185 -18.68 -18.44 -13.43
N ASN A 186 -18.40 -17.71 -12.33
CA ASN A 186 -18.18 -16.26 -12.40
C ASN A 186 -16.76 -15.78 -12.04
N LEU A 187 -15.86 -16.75 -11.83
CA LEU A 187 -14.47 -16.42 -11.57
C LEU A 187 -13.50 -16.95 -12.64
N GLY A 188 -12.80 -16.03 -13.28
CA GLY A 188 -11.71 -16.34 -14.21
C GLY A 188 -10.55 -15.34 -14.09
N ILE A 189 -9.70 -15.30 -15.11
CA ILE A 189 -8.49 -14.49 -15.09
C ILE A 189 -8.55 -13.33 -16.09
N THR A 190 -8.02 -12.18 -15.67
CA THR A 190 -7.61 -11.12 -16.60
C THR A 190 -6.11 -11.26 -16.86
N PHE A 191 -5.78 -11.66 -18.09
CA PHE A 191 -4.40 -11.91 -18.49
C PHE A 191 -3.72 -10.61 -18.88
N ASP A 192 -2.84 -10.13 -18.01
CA ASP A 192 -2.10 -8.92 -18.34
C ASP A 192 -0.75 -9.34 -18.88
N ILE A 193 -0.54 -9.08 -20.17
CA ILE A 193 0.66 -9.46 -20.90
C ILE A 193 1.93 -8.78 -20.38
N GLY A 194 1.84 -7.46 -20.16
CA GLY A 194 2.99 -6.70 -19.64
C GLY A 194 3.47 -7.16 -18.27
N HIS A 195 2.52 -7.51 -17.39
CA HIS A 195 2.87 -8.04 -16.08
C HIS A 195 3.59 -9.35 -16.22
N ALA A 196 3.02 -10.26 -17.01
CA ALA A 196 3.63 -11.57 -17.25
C ALA A 196 5.09 -11.43 -17.69
N ASN A 197 5.37 -10.49 -18.58
CA ASN A 197 6.71 -10.20 -19.07
C ASN A 197 7.73 -9.81 -17.98
N THR A 198 7.25 -9.19 -16.89
CA THR A 198 8.15 -8.87 -15.77
C THR A 198 8.52 -10.11 -14.95
N ALA A 199 7.78 -11.20 -15.15
CA ALA A 199 7.95 -12.43 -14.39
C ALA A 199 8.51 -13.59 -15.23
N GLY A 200 8.19 -13.60 -16.52
CA GLY A 200 8.67 -14.64 -17.41
C GLY A 200 8.26 -14.43 -18.85
N ASN A 201 8.12 -15.52 -19.59
CA ASN A 201 7.69 -15.45 -20.97
C ASN A 201 6.18 -15.33 -21.01
N PRO A 202 5.67 -14.22 -21.58
CA PRO A 202 4.24 -13.93 -21.53
C PRO A 202 3.41 -15.04 -22.19
N ALA A 203 3.87 -15.54 -23.34
CA ALA A 203 3.16 -16.60 -24.07
C ALA A 203 2.95 -17.87 -23.25
N GLU A 204 3.87 -18.15 -22.33
CA GLU A 204 3.81 -19.36 -21.51
C GLU A 204 2.88 -19.26 -20.30
N PHE A 205 2.36 -18.06 -20.04
CA PHE A 205 1.35 -17.87 -19.01
C PHE A 205 -0.01 -18.37 -19.47
N VAL A 206 -0.25 -18.27 -20.78
CA VAL A 206 -1.58 -18.52 -21.37
C VAL A 206 -2.17 -19.87 -20.96
N GLU A 207 -1.46 -20.95 -21.26
CA GLU A 207 -1.92 -22.29 -20.91
C GLU A 207 -2.29 -22.40 -19.43
N LYS A 208 -1.42 -21.90 -18.56
CA LYS A 208 -1.57 -22.09 -17.12
C LYS A 208 -2.72 -21.25 -16.54
N LEU A 209 -2.87 -20.02 -17.04
CA LEU A 209 -3.95 -19.13 -16.62
C LEU A 209 -5.31 -19.61 -17.12
N GLN A 210 -5.34 -20.12 -18.36
CA GLN A 210 -6.54 -20.73 -18.92
C GLN A 210 -7.11 -21.85 -18.03
N ASN A 211 -6.28 -22.38 -17.14
CA ASN A 211 -6.70 -23.50 -16.30
C ASN A 211 -7.28 -23.08 -14.94
N ILE A 212 -7.28 -21.78 -14.66
CA ILE A 212 -7.81 -21.27 -13.40
C ILE A 212 -9.25 -20.79 -13.59
N GLY A 213 -10.16 -21.34 -12.80
CA GLY A 213 -11.58 -20.96 -12.85
C GLY A 213 -12.14 -21.15 -14.24
N ILE A 214 -12.84 -20.15 -14.77
CA ILE A 214 -13.37 -20.24 -16.13
C ILE A 214 -12.35 -19.82 -17.20
N GLY A 215 -11.12 -19.56 -16.79
CA GLY A 215 -10.04 -19.26 -17.73
C GLY A 215 -9.91 -17.79 -18.03
N ILE A 216 -9.23 -17.47 -19.14
CA ILE A 216 -8.95 -16.10 -19.53
C ILE A 216 -10.19 -15.43 -20.09
N ILE A 217 -10.64 -14.39 -19.43
CA ILE A 217 -11.88 -13.71 -19.84
C ILE A 217 -11.63 -12.27 -20.27
N HIS A 218 -10.45 -11.75 -19.98
CA HIS A 218 -10.05 -10.42 -20.38
C HIS A 218 -8.55 -10.37 -20.53
N VAL A 219 -8.04 -9.42 -21.32
CA VAL A 219 -6.61 -9.31 -21.62
C VAL A 219 -6.16 -7.86 -21.61
N HIS A 220 -5.02 -7.60 -20.98
CA HIS A 220 -4.38 -6.28 -21.05
C HIS A 220 -3.15 -6.36 -21.91
N ALA A 221 -3.08 -5.51 -22.93
CA ALA A 221 -1.92 -5.47 -23.81
C ALA A 221 -1.16 -4.16 -23.64
N HIS A 222 0.13 -4.29 -23.34
CA HIS A 222 1.10 -3.20 -23.28
C HIS A 222 2.47 -3.80 -23.18
N ASP A 223 3.50 -2.99 -23.37
CA ASP A 223 4.85 -3.50 -23.56
C ASP A 223 5.81 -2.99 -22.48
N ASN A 224 6.85 -3.78 -22.22
CA ASN A 224 7.94 -3.38 -21.34
C ASN A 224 9.18 -4.20 -21.63
N ASN A 225 10.28 -3.85 -20.98
CA ASN A 225 11.57 -4.51 -21.20
C ASN A 225 11.90 -5.63 -20.20
N GLY A 226 10.87 -6.09 -19.50
CA GLY A 226 11.00 -7.29 -18.67
C GLY A 226 11.19 -7.07 -17.18
N TYR A 227 11.23 -5.81 -16.74
CA TYR A 227 11.47 -5.49 -15.32
C TYR A 227 10.39 -4.62 -14.68
N ASP A 228 10.13 -3.45 -15.25
CA ASP A 228 9.12 -2.54 -14.71
C ASP A 228 7.82 -2.64 -15.51
N ASP A 229 6.71 -2.27 -14.87
CA ASP A 229 5.41 -2.17 -15.51
C ASP A 229 5.39 -0.83 -16.26
N GLU A 230 6.20 -0.74 -17.32
CA GLU A 230 6.41 0.50 -18.05
C GLU A 230 5.21 0.99 -18.85
N HIS A 231 4.36 0.06 -19.28
CA HIS A 231 3.20 0.35 -20.14
C HIS A 231 3.53 1.04 -21.44
N LEU A 232 4.53 0.51 -22.15
CA LEU A 232 4.93 1.10 -23.43
C LEU A 232 3.94 0.67 -24.52
N LYS A 233 4.01 1.34 -25.67
CA LYS A 233 3.24 0.90 -26.83
C LYS A 233 3.88 -0.34 -27.46
N ILE A 234 3.03 -1.20 -28.01
CA ILE A 234 3.46 -2.46 -28.60
C ILE A 234 4.61 -2.22 -29.58
N GLY A 235 5.70 -2.94 -29.37
CA GLY A 235 6.90 -2.81 -30.21
C GLY A 235 8.04 -2.14 -29.49
N GLU A 236 7.74 -1.34 -28.47
CA GLU A 236 8.76 -0.55 -27.77
C GLU A 236 9.52 -1.31 -26.71
N GLY A 237 8.98 -2.46 -26.29
CA GLY A 237 9.65 -3.37 -25.37
C GLY A 237 10.17 -4.60 -26.10
N ASN A 238 10.17 -5.74 -25.41
CA ASN A 238 10.72 -6.99 -25.95
C ASN A 238 9.72 -8.18 -25.95
N ILE A 239 8.44 -7.89 -25.79
CA ILE A 239 7.42 -8.95 -25.83
C ILE A 239 7.16 -9.38 -27.27
N ASN A 240 7.14 -10.68 -27.50
CA ASN A 240 6.73 -11.27 -28.77
C ASN A 240 5.21 -11.43 -28.79
N PHE A 241 4.53 -10.50 -29.45
CA PHE A 241 3.08 -10.49 -29.43
C PHE A 241 2.43 -11.48 -30.39
N ILE A 242 3.16 -11.88 -31.44
CA ILE A 242 2.71 -12.94 -32.34
C ILE A 242 2.47 -14.22 -31.53
N GLU A 243 3.46 -14.60 -30.75
CA GLU A 243 3.39 -15.75 -29.85
C GLU A 243 2.19 -15.70 -28.91
N VAL A 244 2.03 -14.56 -28.23
CA VAL A 244 0.93 -14.39 -27.27
C VAL A 244 -0.41 -14.57 -27.98
N LEU A 245 -0.61 -13.81 -29.06
CA LEU A 245 -1.81 -13.94 -29.90
C LEU A 245 -1.98 -15.37 -30.46
N GLU A 246 -0.86 -16.00 -30.82
CA GLU A 246 -0.86 -17.39 -31.28
C GLU A 246 -1.48 -18.31 -30.21
N LYS A 247 -1.03 -18.12 -28.97
CA LYS A 247 -1.46 -18.97 -27.86
C LYS A 247 -2.88 -18.65 -27.42
N LEU A 248 -3.25 -17.36 -27.49
CA LEU A 248 -4.64 -16.93 -27.28
C LEU A 248 -5.60 -17.50 -28.34
N LYS A 249 -5.11 -17.62 -29.58
CA LYS A 249 -5.93 -18.21 -30.64
C LYS A 249 -6.16 -19.70 -30.39
N GLU A 250 -5.10 -20.42 -30.01
CA GLU A 250 -5.17 -21.85 -29.74
C GLU A 250 -6.23 -22.19 -28.68
N ILE A 251 -6.40 -21.32 -27.69
CA ILE A 251 -7.43 -21.53 -26.66
C ILE A 251 -8.79 -20.96 -27.03
N GLY A 252 -8.90 -20.40 -28.24
CA GLY A 252 -10.17 -19.87 -28.74
C GLY A 252 -10.63 -18.59 -28.06
N TYR A 253 -9.68 -17.79 -27.58
CA TYR A 253 -10.02 -16.55 -26.91
C TYR A 253 -10.75 -15.60 -27.86
N ASP A 254 -11.92 -15.13 -27.45
CA ASP A 254 -12.73 -14.20 -28.26
C ASP A 254 -13.19 -12.97 -27.48
N GLY A 255 -12.51 -12.69 -26.38
CA GLY A 255 -12.85 -11.53 -25.54
C GLY A 255 -12.18 -10.29 -26.08
N VAL A 256 -12.22 -9.21 -25.30
CA VAL A 256 -11.51 -8.01 -25.69
C VAL A 256 -10.02 -8.07 -25.34
N ILE A 257 -9.21 -7.45 -26.21
CA ILE A 257 -7.81 -7.18 -25.94
C ILE A 257 -7.70 -5.69 -25.66
N SER A 258 -7.49 -5.37 -24.38
CA SER A 258 -7.54 -3.99 -23.92
C SER A 258 -6.15 -3.35 -23.81
N ILE A 259 -5.95 -2.28 -24.58
CA ILE A 259 -4.65 -1.59 -24.59
C ILE A 259 -4.52 -0.56 -23.46
N GLU A 260 -3.47 -0.72 -22.65
CA GLU A 260 -3.22 0.17 -21.54
C GLU A 260 -1.94 0.96 -21.76
N ASN A 261 -2.09 2.13 -22.36
CA ASN A 261 -0.97 3.03 -22.63
C ASN A 261 -1.18 4.39 -21.96
N LYS A 262 -0.13 5.21 -21.93
CA LYS A 262 -0.17 6.49 -21.23
C LYS A 262 -0.88 7.58 -22.06
N ASN A 263 -0.92 7.42 -23.38
CA ASN A 263 -1.55 8.40 -24.25
C ASN A 263 -2.23 7.78 -25.48
N ILE A 264 -3.21 8.49 -26.02
CA ILE A 264 -4.05 8.01 -27.13
C ILE A 264 -3.26 7.57 -28.35
N ARG A 265 -2.33 8.40 -28.77
CA ARG A 265 -1.53 8.15 -29.94
C ARG A 265 -0.77 6.81 -29.82
N ASP A 266 -0.21 6.54 -28.64
CA ASP A 266 0.37 5.23 -28.34
C ASP A 266 -0.70 4.12 -28.36
N ALA A 267 -1.83 4.39 -27.73
CA ALA A 267 -2.95 3.45 -27.70
C ALA A 267 -3.47 3.11 -29.10
N VAL A 268 -3.64 4.13 -29.94
CA VAL A 268 -4.14 3.98 -31.31
C VAL A 268 -3.15 3.24 -32.21
N LYS A 269 -1.86 3.56 -32.09
CA LYS A 269 -0.85 2.84 -32.85
C LYS A 269 -0.69 1.39 -32.38
N SER A 270 -0.79 1.18 -31.06
CA SER A 270 -0.78 -0.17 -30.49
C SER A 270 -1.88 -1.02 -31.12
N LYS A 271 -3.04 -0.40 -31.32
CA LYS A 271 -4.20 -1.05 -31.93
C LYS A 271 -3.89 -1.52 -33.36
N GLU A 272 -3.33 -0.61 -34.16
CA GLU A 272 -2.96 -0.94 -35.54
C GLU A 272 -1.88 -2.02 -35.65
N ILE A 273 -0.89 -1.97 -34.75
CA ILE A 273 0.20 -2.96 -34.73
C ILE A 273 -0.32 -4.35 -34.34
N LEU A 274 -1.17 -4.40 -33.31
CA LEU A 274 -1.76 -5.66 -32.88
C LEU A 274 -2.69 -6.27 -33.94
N LYS A 275 -3.56 -5.44 -34.51
CA LYS A 275 -4.44 -5.86 -35.61
C LYS A 275 -3.59 -6.47 -36.71
N GLU A 276 -2.48 -5.80 -37.03
CA GLU A 276 -1.52 -6.28 -38.02
C GLU A 276 -0.90 -7.63 -37.62
N TYR A 277 -0.59 -7.78 -36.33
CA TYR A 277 -0.04 -9.03 -35.82
C TYR A 277 -1.03 -10.19 -35.86
N LEU A 278 -2.29 -9.89 -35.51
CA LEU A 278 -3.37 -10.89 -35.58
C LEU A 278 -3.61 -11.35 -37.02
N GLU A 279 -3.54 -10.43 -37.97
CA GLU A 279 -3.63 -10.76 -39.39
C GLU A 279 -2.58 -11.82 -39.73
N ILE A 280 -1.37 -11.63 -39.21
CA ILE A 280 -0.22 -12.52 -39.45
C ILE A 280 -0.43 -13.90 -38.79
N VAL A 281 -1.04 -13.92 -37.62
CA VAL A 281 -1.32 -15.17 -36.90
C VAL A 281 -2.30 -16.06 -37.68
N ASN A 282 -3.26 -15.42 -38.33
CA ASN A 282 -4.21 -16.14 -39.20
C ASN A 282 -3.53 -16.77 -40.41
N GLU A 283 -2.40 -16.19 -40.83
CA GLU A 283 -1.60 -16.74 -41.92
C GLU A 283 -0.86 -18.01 -41.49
N LYS A 284 -0.46 -18.06 -40.22
CA LYS A 284 0.23 -19.23 -39.64
C LYS A 284 -0.64 -20.49 -39.68
N VAL A 285 -1.96 -20.31 -39.68
CA VAL A 285 -2.90 -21.40 -39.94
C VAL A 285 -2.94 -21.65 -41.44
N ALA A 286 -2.06 -22.54 -41.91
CA ALA A 286 -1.90 -22.80 -43.34
C ALA A 286 -2.22 -24.24 -43.69
N MET B 17 16.51 11.43 30.00
CA MET B 17 16.76 10.37 28.97
C MET B 17 16.38 8.98 29.50
N LYS B 18 15.34 8.39 28.89
CA LYS B 18 14.78 7.10 29.32
C LYS B 18 14.74 6.08 28.18
N PHE B 19 14.89 4.80 28.52
CA PHE B 19 14.98 3.73 27.52
C PHE B 19 13.79 2.77 27.49
N GLY B 20 13.25 2.56 26.29
CA GLY B 20 12.08 1.72 26.13
C GLY B 20 12.21 0.62 25.09
N VAL B 21 11.19 -0.23 25.01
CA VAL B 21 11.07 -1.25 23.98
C VAL B 21 9.76 -1.16 23.24
N SER B 22 9.83 -1.43 21.94
CA SER B 22 8.64 -1.55 21.14
C SER B 22 8.20 -3.00 21.19
N SER B 23 6.93 -3.20 21.56
CA SER B 23 6.37 -4.54 21.73
C SER B 23 6.35 -5.35 20.41
N LEU B 24 7.00 -4.79 19.39
CA LEU B 24 7.04 -5.36 18.04
C LEU B 24 7.79 -6.69 18.01
N VAL B 25 8.51 -7.02 19.08
CA VAL B 25 9.41 -8.20 19.16
C VAL B 25 9.06 -9.41 18.27
N GLU B 29 3.24 -12.86 17.35
CA GLU B 29 3.20 -12.84 18.82
C GLU B 29 2.00 -12.09 19.38
N SER B 30 1.46 -12.60 20.49
CA SER B 30 0.35 -11.97 21.21
C SER B 30 0.84 -11.04 22.33
N LEU B 31 -0.09 -10.34 22.98
CA LEU B 31 0.24 -9.30 23.96
C LEU B 31 0.64 -9.84 25.32
N THR B 32 -0.18 -10.72 25.90
CA THR B 32 0.16 -11.30 27.21
C THR B 32 1.44 -12.12 27.09
N SER B 33 1.64 -12.67 25.90
CA SER B 33 2.81 -13.47 25.54
C SER B 33 4.10 -12.66 25.54
N SER B 34 3.98 -11.37 25.24
CA SER B 34 5.14 -10.50 25.09
C SER B 34 5.31 -9.53 26.25
N MET B 35 4.22 -9.23 26.95
CA MET B 35 4.24 -8.15 27.94
C MET B 35 4.95 -8.48 29.25
N GLU B 36 4.43 -9.45 30.00
CA GLU B 36 5.03 -9.85 31.28
C GLU B 36 6.47 -10.37 31.13
N LYS B 37 6.88 -10.66 29.89
CA LYS B 37 8.26 -11.04 29.59
C LYS B 37 9.14 -9.80 29.43
N ILE B 38 8.58 -8.73 28.86
CA ILE B 38 9.25 -7.44 28.77
C ILE B 38 9.36 -6.81 30.17
N ALA B 39 8.25 -6.85 30.91
CA ALA B 39 8.14 -6.20 32.21
C ALA B 39 9.15 -6.68 33.23
N GLU B 40 9.55 -7.95 33.14
CA GLU B 40 10.51 -8.51 34.10
C GLU B 40 11.94 -7.97 33.96
N HIS B 41 12.17 -7.15 32.94
CA HIS B 41 13.41 -6.40 32.78
C HIS B 41 13.21 -4.99 33.28
N ASN B 42 14.17 -4.11 32.98
CA ASN B 42 14.16 -2.76 33.51
C ASN B 42 14.12 -1.69 32.44
N PHE B 43 13.05 -1.72 31.64
CA PHE B 43 12.82 -0.66 30.66
C PHE B 43 11.98 0.44 31.31
N ASP B 44 12.35 1.69 31.06
CA ASP B 44 11.69 2.83 31.67
C ASP B 44 10.34 3.14 31.01
N ALA B 45 10.20 2.71 29.76
CA ALA B 45 8.99 2.98 28.99
C ALA B 45 8.66 1.81 28.07
N TRP B 46 7.37 1.58 27.82
CA TRP B 46 6.91 0.61 26.82
C TRP B 46 6.25 1.29 25.66
N GLU B 47 6.67 0.93 24.45
CA GLU B 47 6.04 1.42 23.24
C GLU B 47 5.13 0.34 22.66
N ILE B 48 3.83 0.48 22.90
CA ILE B 48 2.83 -0.46 22.41
C ILE B 48 2.49 -0.11 20.97
N VAL B 49 2.73 -1.03 20.03
CA VAL B 49 2.30 -0.79 18.67
C VAL B 49 0.87 -1.28 18.43
N CYS B 50 0.02 -0.34 18.05
CA CYS B 50 -1.42 -0.54 17.96
C CYS B 50 -1.76 -1.25 16.65
N GLU B 51 -1.46 -2.55 16.60
CA GLU B 51 -1.68 -3.39 15.41
C GLU B 51 -1.98 -4.82 15.84
N GLY B 52 -2.79 -5.52 15.04
CA GLY B 52 -3.08 -6.94 15.24
C GLY B 52 -3.58 -7.24 16.63
N THR B 53 -2.86 -8.11 17.34
CA THR B 53 -3.28 -8.56 18.66
C THR B 53 -2.88 -7.56 19.76
N HIS B 54 -1.97 -6.63 19.43
CA HIS B 54 -1.58 -5.57 20.36
C HIS B 54 -2.48 -4.37 20.21
N TYR B 55 -3.42 -4.44 19.26
CA TYR B 55 -4.35 -3.33 19.04
C TYR B 55 -4.94 -2.83 20.36
N LEU B 56 -5.14 -1.52 20.43
CA LEU B 56 -5.69 -0.87 21.62
C LEU B 56 -7.22 -1.05 21.79
N SER B 57 -7.66 -2.31 21.78
CA SER B 57 -9.03 -2.69 22.13
C SER B 57 -9.29 -2.42 23.61
N PRO B 58 -10.57 -2.41 24.03
CA PRO B 58 -10.89 -2.24 25.45
C PRO B 58 -10.17 -3.24 26.37
N LYS B 59 -10.11 -4.51 25.95
CA LYS B 59 -9.42 -5.55 26.72
C LYS B 59 -7.94 -5.26 26.92
N ASN B 60 -7.28 -4.84 25.84
CA ASN B 60 -5.87 -4.53 25.90
C ASN B 60 -5.60 -3.27 26.68
N ILE B 61 -6.51 -2.31 26.63
CA ILE B 61 -6.35 -1.09 27.42
C ILE B 61 -6.41 -1.42 28.92
N LYS B 62 -7.42 -2.19 29.31
CA LYS B 62 -7.60 -2.61 30.70
C LYS B 62 -6.42 -3.44 31.22
N TYR B 63 -5.93 -4.36 30.39
CA TYR B 63 -4.75 -5.18 30.69
C TYR B 63 -3.51 -4.29 30.93
N LEU B 64 -3.22 -3.41 29.98
CA LEU B 64 -2.10 -2.46 30.09
C LEU B 64 -2.22 -1.50 31.27
N MET B 65 -3.46 -1.05 31.53
CA MET B 65 -3.76 -0.15 32.63
C MET B 65 -3.37 -0.76 33.98
N GLU B 66 -3.61 -2.06 34.14
CA GLU B 66 -3.26 -2.76 35.37
C GLU B 66 -1.76 -3.08 35.45
N LEU B 67 -1.15 -3.37 34.31
CA LEU B 67 0.30 -3.61 34.23
C LEU B 67 1.12 -2.38 34.65
N ARG B 68 0.71 -1.20 34.20
CA ARG B 68 1.40 0.05 34.57
C ARG B 68 1.15 0.48 36.03
N ASP B 69 0.43 -0.35 36.79
CA ASP B 69 0.20 -0.10 38.20
C ASP B 69 1.01 -1.05 39.07
N ARG B 70 1.12 -2.30 38.64
CA ARG B 70 1.94 -3.28 39.35
C ARG B 70 3.41 -2.85 39.26
N TYR B 71 3.85 -2.56 38.04
CA TYR B 71 5.12 -1.90 37.81
C TYR B 71 4.81 -0.41 37.70
N GLU B 72 5.84 0.41 37.43
CA GLU B 72 5.60 1.77 37.02
C GLU B 72 6.51 2.13 35.84
N VAL B 73 5.88 2.31 34.69
CA VAL B 73 6.57 2.63 33.46
C VAL B 73 5.76 3.67 32.71
N GLU B 74 6.41 4.31 31.75
CA GLU B 74 5.74 5.24 30.87
C GLU B 74 5.20 4.45 29.67
N ILE B 75 4.10 4.90 29.09
CA ILE B 75 3.62 4.29 27.85
C ILE B 75 3.67 5.29 26.69
N VAL B 76 4.23 4.86 25.57
CA VAL B 76 4.09 5.56 24.31
C VAL B 76 3.32 4.62 23.40
N VAL B 77 2.42 5.17 22.58
CA VAL B 77 1.71 4.31 21.64
C VAL B 77 2.09 4.64 20.22
N HIS B 78 2.27 3.59 19.44
CA HIS B 78 2.48 3.69 18.02
C HIS B 78 1.15 3.49 17.33
N ALA B 79 0.72 4.47 16.54
CA ALA B 79 -0.55 4.39 15.81
C ALA B 79 -0.52 3.22 14.81
N PRO B 80 -1.68 2.70 14.45
CA PRO B 80 -1.72 1.70 13.40
C PRO B 80 -1.27 2.34 12.11
N PHE B 81 -0.57 1.62 11.27
CA PHE B 81 -0.12 2.16 10.01
C PHE B 81 -0.36 1.25 8.84
N SER B 82 -0.49 -0.03 9.08
CA SER B 82 -0.46 -1.02 8.02
C SER B 82 -1.66 -1.04 7.12
N ASP B 83 -1.43 -1.05 5.81
CA ASP B 83 -2.50 -1.00 4.82
C ASP B 83 -3.36 0.25 4.94
N LEU B 84 -2.78 1.29 5.51
CA LEU B 84 -3.41 2.60 5.59
C LEU B 84 -2.52 3.57 4.85
N ASN B 85 -3.13 4.49 4.09
CA ASN B 85 -2.39 5.55 3.45
C ASN B 85 -3.03 6.89 3.77
N PRO B 86 -2.39 7.69 4.64
CA PRO B 86 -2.86 9.05 4.93
C PRO B 86 -2.92 9.91 3.66
N ALA B 87 -2.12 9.55 2.66
CA ALA B 87 -1.93 10.35 1.46
C ALA B 87 -2.70 9.84 0.25
N SER B 88 -3.65 8.94 0.49
CA SER B 88 -4.47 8.35 -0.57
C SER B 88 -5.35 9.37 -1.29
N MET B 89 -5.54 9.16 -2.59
CA MET B 89 -6.56 9.87 -3.36
C MET B 89 -7.95 9.38 -3.00
N ASN B 90 -8.03 8.14 -2.54
CA ASN B 90 -9.29 7.54 -2.09
C ASN B 90 -9.66 8.15 -0.74
N GLU B 91 -10.74 8.93 -0.76
CA GLU B 91 -11.20 9.65 0.41
C GLU B 91 -11.58 8.72 1.56
N ARG B 92 -12.15 7.57 1.20
CA ARG B 92 -12.58 6.59 2.18
C ARG B 92 -11.41 5.92 2.85
N VAL B 93 -10.30 5.79 2.13
CA VAL B 93 -9.05 5.28 2.72
C VAL B 93 -8.49 6.30 3.72
N ARG B 94 -8.54 7.59 3.36
CA ARG B 94 -8.14 8.67 4.26
C ARG B 94 -9.00 8.70 5.54
N LYS B 95 -10.32 8.66 5.35
CA LYS B 95 -11.27 8.65 6.48
C LYS B 95 -11.04 7.42 7.38
N LEU B 96 -10.77 6.27 6.79
CA LEU B 96 -10.48 5.07 7.58
C LEU B 96 -9.14 5.20 8.33
N THR B 97 -8.20 5.92 7.73
CA THR B 97 -6.90 6.13 8.36
C THR B 97 -7.04 7.01 9.61
N VAL B 98 -7.82 8.09 9.52
CA VAL B 98 -8.07 8.93 10.70
C VAL B 98 -8.82 8.12 11.77
N GLU B 99 -9.80 7.33 11.34
CA GLU B 99 -10.56 6.47 12.26
C GLU B 99 -9.65 5.49 13.03
N CYS B 100 -8.75 4.82 12.33
CA CYS B 100 -7.83 3.89 13.01
C CYS B 100 -6.84 4.61 13.96
N ILE B 101 -6.31 5.75 13.51
CA ILE B 101 -5.42 6.54 14.36
C ILE B 101 -6.16 7.17 15.55
N ARG B 102 -7.45 7.48 15.38
CA ARG B 102 -8.30 7.91 16.49
C ARG B 102 -8.35 6.87 17.62
N ASP B 103 -8.43 5.59 17.26
CA ASP B 103 -8.39 4.52 18.25
C ASP B 103 -7.11 4.61 19.08
N ALA B 104 -5.98 4.83 18.42
CA ALA B 104 -4.70 4.91 19.11
C ALA B 104 -4.60 6.13 20.03
N ILE B 105 -5.04 7.29 19.55
CA ILE B 105 -5.04 8.49 20.39
C ILE B 105 -5.94 8.30 21.61
N GLU B 106 -7.11 7.72 21.42
CA GLU B 106 -8.04 7.47 22.52
C GLU B 106 -7.45 6.53 23.58
N GLY B 107 -6.79 5.46 23.11
CA GLY B 107 -6.12 4.51 23.99
C GLY B 107 -5.01 5.18 24.78
N ALA B 108 -4.19 5.97 24.07
CA ALA B 108 -3.15 6.79 24.67
C ALA B 108 -3.73 7.68 25.76
N PHE B 109 -4.83 8.35 25.45
CA PHE B 109 -5.50 9.20 26.41
C PHE B 109 -5.87 8.39 27.66
N GLU B 110 -6.55 7.28 27.46
CA GLU B 110 -6.95 6.37 28.53
C GLU B 110 -5.76 5.85 29.32
N LEU B 111 -4.64 5.66 28.64
CA LEU B 111 -3.42 5.13 29.23
C LEU B 111 -2.54 6.22 29.88
N ASP B 112 -3.01 7.47 29.85
CA ASP B 112 -2.25 8.64 30.34
C ASP B 112 -0.95 8.85 29.61
N SER B 113 -0.76 8.06 28.55
CA SER B 113 0.30 8.25 27.58
C SER B 113 0.25 9.68 27.02
N GLU B 114 1.39 10.20 26.57
CA GLU B 114 1.39 11.56 26.05
C GLU B 114 1.88 11.67 24.62
N VAL B 115 2.42 10.57 24.09
CA VAL B 115 2.94 10.56 22.72
C VAL B 115 2.28 9.47 21.88
N VAL B 116 1.83 9.85 20.69
CA VAL B 116 1.39 8.89 19.68
C VAL B 116 2.26 9.05 18.44
N VAL B 117 2.89 7.95 18.02
CA VAL B 117 3.74 7.94 16.84
C VAL B 117 2.87 7.65 15.61
N VAL B 118 3.10 8.41 14.53
CA VAL B 118 2.30 8.28 13.31
C VAL B 118 3.23 8.24 12.07
N HIS B 119 2.89 7.41 11.09
CA HIS B 119 3.69 7.30 9.85
C HIS B 119 3.23 8.28 8.78
N PRO B 120 4.17 8.85 8.02
CA PRO B 120 3.74 9.52 6.79
C PRO B 120 3.20 8.51 5.78
N GLY B 121 2.55 9.00 4.74
CA GLY B 121 1.98 8.14 3.72
C GLY B 121 2.98 7.76 2.63
N TYR B 122 2.46 7.19 1.56
CA TYR B 122 3.28 6.89 0.39
C TYR B 122 2.57 7.37 -0.86
N ILE B 123 3.30 7.42 -1.96
CA ILE B 123 2.78 7.80 -3.25
C ILE B 123 2.25 6.53 -3.91
N PRO B 124 0.93 6.47 -4.18
CA PRO B 124 0.40 5.29 -4.86
C PRO B 124 0.94 5.23 -6.29
N GLU B 125 1.05 4.02 -6.81
CA GLU B 125 1.61 3.77 -8.14
C GLU B 125 0.85 4.51 -9.25
N LEU B 126 -0.47 4.52 -9.15
CA LEU B 126 -1.37 5.13 -10.13
C LEU B 126 -1.17 6.64 -10.24
N TRP B 127 -0.73 7.25 -9.14
CA TRP B 127 -0.62 8.72 -9.04
C TRP B 127 0.79 9.18 -8.80
N SER B 128 1.78 8.45 -9.31
CA SER B 128 3.19 8.82 -9.11
C SER B 128 3.58 10.20 -9.67
N ASN B 129 2.84 10.66 -10.68
CA ASN B 129 3.12 11.96 -11.30
C ASN B 129 2.48 13.15 -10.59
N TYR B 130 1.72 12.86 -9.53
CA TYR B 130 0.98 13.91 -8.82
C TYR B 130 1.36 13.98 -7.36
N VAL B 131 2.67 14.02 -7.12
CA VAL B 131 3.26 14.02 -5.79
C VAL B 131 2.75 15.19 -4.98
N SER B 132 2.59 16.33 -5.65
CA SER B 132 2.12 17.53 -4.99
C SER B 132 0.77 17.33 -4.34
N GLU B 133 -0.21 16.83 -5.10
CA GLU B 133 -1.55 16.63 -4.56
C GLU B 133 -1.64 15.47 -3.55
N ILE B 134 -0.80 14.44 -3.73
CA ILE B 134 -0.62 13.40 -2.71
C ILE B 134 -0.22 14.03 -1.35
N LEU B 135 0.73 14.96 -1.36
CA LEU B 135 1.13 15.71 -0.16
C LEU B 135 -0.01 16.47 0.49
N ASP B 136 -0.86 17.14 -0.31
CA ASP B 136 -2.09 17.78 0.19
C ASP B 136 -2.92 16.79 0.99
N ASN B 137 -3.10 15.59 0.42
CA ASN B 137 -3.88 14.53 1.06
C ASN B 137 -3.35 14.22 2.44
N ASN B 138 -2.04 13.95 2.50
CA ASN B 138 -1.38 13.60 3.76
C ASN B 138 -1.49 14.73 4.78
N PHE B 139 -1.42 15.97 4.30
CA PHE B 139 -1.60 17.14 5.14
C PHE B 139 -3.00 17.15 5.72
N SER B 140 -4.00 16.94 4.86
CA SER B 140 -5.40 16.93 5.24
C SER B 140 -5.62 15.93 6.39
N THR B 141 -5.22 14.68 6.16
CA THR B 141 -5.35 13.62 7.15
C THR B 141 -4.66 13.96 8.47
N LEU B 142 -3.43 14.48 8.37
CA LEU B 142 -2.63 14.81 9.55
C LEU B 142 -3.24 15.93 10.39
N SER B 143 -3.84 16.92 9.71
CA SER B 143 -4.56 18.02 10.38
C SER B 143 -5.74 17.47 11.16
N GLU B 144 -6.52 16.62 10.51
CA GLU B 144 -7.68 16.00 11.10
C GLU B 144 -7.27 15.21 12.34
N ILE B 145 -6.12 14.54 12.27
CA ILE B 145 -5.56 13.75 13.36
C ILE B 145 -4.99 14.61 14.50
N VAL B 146 -4.22 15.65 14.14
CA VAL B 146 -3.69 16.57 15.13
C VAL B 146 -4.84 17.25 15.89
N GLU B 147 -5.92 17.54 15.18
CA GLU B 147 -7.15 18.07 15.77
C GLU B 147 -7.69 17.15 16.88
N ILE B 148 -7.73 15.85 16.61
CA ILE B 148 -8.15 14.85 17.59
C ILE B 148 -7.16 14.76 18.76
N ALA B 149 -5.88 14.91 18.46
CA ALA B 149 -4.84 14.90 19.47
C ALA B 149 -5.01 16.08 20.42
N GLU B 150 -5.38 17.23 19.86
CA GLU B 150 -5.64 18.44 20.65
C GLU B 150 -6.80 18.27 21.62
N ASP B 151 -7.86 17.57 21.20
CA ASP B 151 -9.01 17.31 22.06
C ASP B 151 -8.59 16.45 23.24
N TYR B 152 -7.64 15.55 23.00
CA TYR B 152 -7.26 14.57 24.02
C TYR B 152 -5.96 14.93 24.74
N GLY B 153 -5.41 16.10 24.45
CA GLY B 153 -4.14 16.54 25.04
C GLY B 153 -2.98 15.61 24.75
N ILE B 154 -2.93 15.10 23.52
CA ILE B 154 -1.94 14.12 23.08
C ILE B 154 -1.04 14.71 22.01
N LYS B 155 0.25 14.36 22.06
CA LYS B 155 1.23 14.86 21.10
C LYS B 155 1.45 13.87 19.96
N ILE B 156 1.46 14.33 18.74
CA ILE B 156 1.70 13.42 17.67
C ILE B 156 3.14 13.50 17.22
N GLY B 157 3.86 12.39 17.27
CA GLY B 157 5.19 12.40 16.73
C GLY B 157 5.22 11.77 15.37
N LEU B 158 5.25 12.59 14.34
CA LEU B 158 5.38 12.12 13.00
C LEU B 158 6.75 11.48 12.82
N GLU B 159 6.79 10.31 12.21
CA GLU B 159 8.03 9.54 12.14
C GLU B 159 8.70 9.60 10.77
N ASN B 160 10.00 9.93 10.74
CA ASN B 160 10.75 9.87 9.48
C ASN B 160 10.91 8.42 8.99
N MET B 161 10.74 8.22 7.68
CA MET B 161 10.64 6.88 7.08
C MET B 161 11.93 6.37 6.41
N PRO B 162 12.10 5.03 6.34
CA PRO B 162 13.28 4.48 5.69
C PRO B 162 13.30 4.80 4.20
N ASN B 163 14.48 4.83 3.60
CA ASN B 163 14.61 5.15 2.18
C ASN B 163 14.09 4.00 1.32
N PHE B 164 12.85 4.16 0.85
CA PHE B 164 12.15 3.17 0.06
C PHE B 164 11.42 3.94 -1.03
N ARG B 165 11.24 3.30 -2.18
CA ARG B 165 10.55 3.91 -3.31
C ARG B 165 9.11 4.31 -2.96
N GLY B 166 8.81 5.60 -3.08
CA GLY B 166 7.44 6.08 -2.97
C GLY B 166 7.02 6.63 -1.62
N VAL B 167 7.75 6.28 -0.56
CA VAL B 167 7.35 6.68 0.79
C VAL B 167 7.67 8.15 1.08
N LEU B 168 6.76 8.79 1.81
CA LEU B 168 6.91 10.20 2.16
C LEU B 168 7.62 10.34 3.50
N GLY B 169 8.16 11.53 3.76
CA GLY B 169 8.86 11.84 4.99
C GLY B 169 10.15 11.07 5.23
N ILE B 170 10.87 10.78 4.15
CA ILE B 170 12.21 10.20 4.25
C ILE B 170 13.17 11.28 4.78
N THR B 171 13.09 12.46 4.20
CA THR B 171 13.97 13.58 4.53
C THR B 171 13.26 14.58 5.45
N PRO B 172 14.04 15.37 6.23
CA PRO B 172 13.40 16.42 7.05
C PRO B 172 12.60 17.38 6.17
N GLU B 173 13.14 17.69 4.99
CA GLU B 173 12.51 18.53 3.99
C GLU B 173 11.13 18.01 3.54
N SER B 174 11.03 16.72 3.29
CA SER B 174 9.76 16.10 2.93
C SER B 174 8.77 16.07 4.10
N LEU B 175 9.29 15.95 5.32
CA LEU B 175 8.45 16.06 6.52
C LEU B 175 7.82 17.45 6.62
N LEU B 176 8.60 18.48 6.30
CA LEU B 176 8.07 19.85 6.21
C LEU B 176 6.92 19.98 5.21
N GLU B 177 7.02 19.29 4.07
CA GLU B 177 6.00 19.37 3.03
C GLU B 177 4.66 18.72 3.41
N ILE B 178 4.67 17.77 4.34
CA ILE B 178 3.44 17.19 4.91
C ILE B 178 2.87 18.09 6.03
N VAL B 179 3.77 18.56 6.89
CA VAL B 179 3.45 19.42 8.03
C VAL B 179 2.93 20.78 7.59
N LYS B 180 3.47 21.28 6.48
CA LYS B 180 3.07 22.58 5.90
C LYS B 180 2.99 23.66 6.97
N ASP B 181 1.81 24.24 7.16
CA ASP B 181 1.67 25.35 8.11
C ASP B 181 0.98 24.99 9.43
N ILE B 182 0.74 23.69 9.66
CA ILE B 182 0.13 23.24 10.91
C ILE B 182 0.91 23.85 12.07
N ASP B 183 0.20 24.67 12.85
CA ASP B 183 0.75 25.36 14.00
C ASP B 183 0.03 24.83 15.24
N SER B 184 0.69 23.92 15.95
CA SER B 184 0.06 23.22 17.06
C SER B 184 1.08 22.80 18.12
N LYS B 185 0.70 22.98 19.38
CA LYS B 185 1.51 22.50 20.50
C LYS B 185 1.46 20.96 20.59
N ASN B 186 0.78 20.34 19.64
CA ASN B 186 0.55 18.89 19.63
C ASN B 186 1.22 18.13 18.46
N LEU B 187 1.90 18.85 17.56
CA LEU B 187 2.65 18.20 16.47
C LEU B 187 4.18 18.33 16.57
N GLY B 188 4.85 17.19 16.59
CA GLY B 188 6.31 17.12 16.61
C GLY B 188 6.79 15.94 15.79
N ILE B 189 7.96 15.42 16.14
CA ILE B 189 8.59 14.32 15.41
C ILE B 189 8.98 13.11 16.29
N THR B 190 8.78 11.91 15.75
CA THR B 190 9.48 10.72 16.23
C THR B 190 10.72 10.56 15.37
N PHE B 191 11.89 10.69 16.01
CA PHE B 191 13.15 10.51 15.32
C PHE B 191 13.52 9.03 15.27
N ASP B 192 13.41 8.44 14.09
CA ASP B 192 13.89 7.08 13.91
C ASP B 192 15.33 7.15 13.39
N ILE B 193 16.27 6.73 14.24
CA ILE B 193 17.70 6.75 13.91
C ILE B 193 18.05 5.77 12.79
N GLY B 194 17.51 4.56 12.87
CA GLY B 194 17.69 3.55 11.84
C GLY B 194 17.24 3.98 10.45
N HIS B 195 16.08 4.64 10.37
CA HIS B 195 15.56 5.12 9.09
C HIS B 195 16.45 6.20 8.53
N ALA B 196 16.99 7.03 9.42
CA ALA B 196 17.84 8.15 9.04
C ALA B 196 19.12 7.66 8.33
N ASN B 197 19.59 6.48 8.71
CA ASN B 197 20.78 5.88 8.12
C ASN B 197 20.61 5.41 6.68
N THR B 198 19.38 5.10 6.28
CA THR B 198 19.12 4.67 4.91
C THR B 198 19.06 5.85 3.96
N ALA B 199 18.99 7.05 4.52
CA ALA B 199 18.80 8.26 3.74
C ALA B 199 20.02 9.16 3.80
N GLY B 200 20.79 9.06 4.88
CA GLY B 200 22.03 9.84 5.00
C GLY B 200 22.73 9.67 6.34
N ASN B 201 23.33 10.76 6.82
CA ASN B 201 24.02 10.78 8.11
C ASN B 201 23.03 11.04 9.25
N PRO B 202 22.83 10.04 10.13
CA PRO B 202 21.81 10.12 11.18
C PRO B 202 22.00 11.26 12.17
N ALA B 203 23.22 11.80 12.26
CA ALA B 203 23.48 12.92 13.15
C ALA B 203 23.00 14.26 12.57
N GLU B 204 22.91 14.33 11.24
CA GLU B 204 22.53 15.58 10.57
C GLU B 204 21.00 15.77 10.47
N PHE B 205 20.26 14.76 10.90
CA PHE B 205 18.79 14.82 10.95
C PHE B 205 18.32 15.56 12.18
N VAL B 206 19.11 15.51 13.25
CA VAL B 206 18.69 16.02 14.56
C VAL B 206 18.36 17.52 14.54
N GLU B 207 19.27 18.35 14.04
CA GLU B 207 19.04 19.80 13.97
C GLU B 207 17.74 20.12 13.22
N LYS B 208 17.59 19.53 12.04
CA LYS B 208 16.47 19.81 11.13
C LYS B 208 15.12 19.31 11.64
N LEU B 209 15.10 18.11 12.24
CA LEU B 209 13.86 17.55 12.79
C LEU B 209 13.38 18.33 14.03
N GLN B 210 14.34 18.80 14.83
CA GLN B 210 14.04 19.64 15.99
C GLN B 210 13.38 20.97 15.62
N ASN B 211 13.53 21.38 14.37
CA ASN B 211 12.93 22.63 13.87
C ASN B 211 11.53 22.49 13.26
N ILE B 212 10.93 21.31 13.39
CA ILE B 212 9.59 21.08 12.88
C ILE B 212 8.61 20.91 14.05
N GLY B 213 7.53 21.69 14.03
CA GLY B 213 6.53 21.64 15.10
C GLY B 213 7.18 21.85 16.45
N ILE B 214 6.84 21.01 17.42
CA ILE B 214 7.45 21.09 18.74
C ILE B 214 8.75 20.30 18.83
N GLY B 215 9.25 19.84 17.69
CA GLY B 215 10.54 19.14 17.60
C GLY B 215 10.48 17.67 17.96
N ILE B 216 11.65 17.10 18.23
CA ILE B 216 11.77 15.66 18.52
C ILE B 216 11.16 15.33 19.88
N ILE B 217 10.14 14.49 19.86
CA ILE B 217 9.42 14.17 21.09
C ILE B 217 9.46 12.68 21.37
N HIS B 218 10.09 11.93 20.49
CA HIS B 218 10.24 10.49 20.66
C HIS B 218 11.28 9.95 19.72
N VAL B 219 12.00 8.92 20.17
CA VAL B 219 13.09 8.35 19.37
C VAL B 219 12.99 6.83 19.24
N HIS B 220 13.19 6.34 18.01
CA HIS B 220 13.39 4.91 17.77
C HIS B 220 14.85 4.60 17.58
N ALA B 221 15.30 3.50 18.18
CA ALA B 221 16.71 3.08 18.12
C ALA B 221 16.87 1.66 17.61
N HIS B 222 17.63 1.53 16.53
CA HIS B 222 18.04 0.25 15.93
C HIS B 222 19.12 0.52 14.92
N ASP B 223 19.78 -0.53 14.45
CA ASP B 223 20.94 -0.38 13.57
C ASP B 223 20.76 -1.03 12.19
N ASN B 224 21.48 -0.51 11.20
CA ASN B 224 21.58 -1.12 9.87
C ASN B 224 22.83 -0.67 9.07
N ASN B 225 22.90 -1.11 7.82
CA ASN B 225 24.08 -0.84 6.96
C ASN B 225 23.85 0.23 5.88
N GLY B 226 22.93 1.16 6.14
CA GLY B 226 22.70 2.30 5.28
C GLY B 226 21.89 2.05 4.02
N TYR B 227 21.46 0.81 3.81
CA TYR B 227 20.60 0.48 2.66
C TYR B 227 19.17 0.07 3.07
N ASP B 228 19.03 -1.05 3.78
CA ASP B 228 17.71 -1.57 4.17
C ASP B 228 17.37 -1.30 5.63
N ASP B 229 16.06 -1.28 5.94
CA ASP B 229 15.58 -1.08 7.31
C ASP B 229 15.73 -2.38 8.08
N GLU B 230 16.96 -2.70 8.45
CA GLU B 230 17.30 -4.04 8.93
C GLU B 230 16.90 -4.30 10.39
N HIS B 231 16.76 -3.23 11.17
CA HIS B 231 16.39 -3.31 12.60
C HIS B 231 17.31 -4.20 13.39
N LEU B 232 18.61 -4.13 13.10
CA LEU B 232 19.60 -4.96 13.78
C LEU B 232 19.85 -4.53 15.23
N LYS B 233 20.48 -5.42 16.00
CA LYS B 233 20.98 -5.09 17.33
C LYS B 233 22.02 -3.97 17.23
N ILE B 234 22.03 -3.06 18.20
CA ILE B 234 23.01 -1.97 18.22
C ILE B 234 24.45 -2.48 18.04
N GLY B 235 25.17 -1.88 17.09
CA GLY B 235 26.54 -2.27 16.79
C GLY B 235 26.66 -3.19 15.59
N GLU B 236 25.57 -3.90 15.28
CA GLU B 236 25.56 -4.86 14.17
C GLU B 236 25.56 -4.18 12.81
N GLY B 237 25.37 -2.87 12.79
CA GLY B 237 25.36 -2.09 11.55
C GLY B 237 26.49 -1.08 11.53
N ASN B 238 26.27 0.06 10.87
CA ASN B 238 27.31 1.08 10.76
C ASN B 238 26.93 2.47 11.25
N ILE B 239 25.90 2.55 12.09
CA ILE B 239 25.49 3.81 12.72
C ILE B 239 26.43 4.16 13.87
N ASN B 240 26.92 5.39 13.85
CA ASN B 240 27.72 5.93 14.94
C ASN B 240 26.78 6.50 15.99
N PHE B 241 26.37 5.65 16.94
CA PHE B 241 25.39 6.03 17.96
C PHE B 241 25.95 7.04 18.97
N ILE B 242 27.24 6.93 19.29
CA ILE B 242 27.92 7.89 20.17
C ILE B 242 27.66 9.32 19.70
N GLU B 243 27.92 9.56 18.41
CA GLU B 243 27.72 10.86 17.75
C GLU B 243 26.24 11.30 17.76
N VAL B 244 25.34 10.34 17.62
CA VAL B 244 23.88 10.62 17.57
C VAL B 244 23.33 11.01 18.95
N LEU B 245 23.80 10.33 20.00
CA LEU B 245 23.43 10.68 21.38
C LEU B 245 23.90 12.10 21.73
N GLU B 246 25.02 12.50 21.13
CA GLU B 246 25.61 13.83 21.37
C GLU B 246 24.67 14.94 20.89
N LYS B 247 24.20 14.82 19.64
CA LYS B 247 23.22 15.75 19.06
C LYS B 247 21.91 15.84 19.86
N LEU B 248 21.51 14.73 20.48
CA LEU B 248 20.32 14.72 21.34
C LEU B 248 20.56 15.41 22.69
N LYS B 249 21.68 15.11 23.34
CA LYS B 249 22.06 15.76 24.60
C LYS B 249 22.29 17.26 24.42
N GLU B 250 22.71 17.63 23.21
CA GLU B 250 22.87 19.02 22.79
C GLU B 250 21.54 19.81 22.84
N ILE B 251 20.47 19.21 22.32
CA ILE B 251 19.15 19.85 22.29
C ILE B 251 18.31 19.55 23.54
N GLY B 252 18.94 18.96 24.55
CA GLY B 252 18.29 18.69 25.84
C GLY B 252 17.12 17.73 25.76
N TYR B 253 17.27 16.65 25.01
CA TYR B 253 16.20 15.67 24.84
C TYR B 253 15.97 14.83 26.09
N ASP B 254 14.90 15.13 26.81
CA ASP B 254 14.56 14.43 28.05
C ASP B 254 13.59 13.28 27.84
N GLY B 255 13.20 13.05 26.58
CA GLY B 255 12.19 12.04 26.24
C GLY B 255 12.64 10.60 26.33
N VAL B 256 12.10 9.76 25.46
CA VAL B 256 12.38 8.32 25.49
C VAL B 256 13.05 7.81 24.21
N ILE B 257 14.04 6.93 24.39
CA ILE B 257 14.72 6.24 23.30
C ILE B 257 14.23 4.78 23.30
N SER B 258 13.36 4.48 22.34
CA SER B 258 12.70 3.19 22.28
C SER B 258 13.39 2.28 21.29
N ILE B 259 13.67 1.05 21.73
CA ILE B 259 14.41 0.06 20.95
C ILE B 259 13.48 -0.84 20.14
N GLU B 260 13.80 -1.02 18.86
CA GLU B 260 13.01 -1.86 17.97
C GLU B 260 13.87 -2.98 17.38
N ASN B 261 13.86 -4.15 18.01
CA ASN B 261 14.63 -5.30 17.52
C ASN B 261 13.78 -6.55 17.26
N LYS B 262 14.35 -7.55 16.60
CA LYS B 262 13.60 -8.75 16.22
C LYS B 262 13.29 -9.68 17.38
N ASN B 263 14.06 -9.58 18.46
CA ASN B 263 13.82 -10.40 19.64
C ASN B 263 14.20 -9.72 20.94
N ILE B 264 13.68 -10.26 22.04
CA ILE B 264 13.84 -9.71 23.39
C ILE B 264 15.29 -9.58 23.83
N ARG B 265 16.10 -10.62 23.62
CA ARG B 265 17.49 -10.60 24.08
C ARG B 265 18.33 -9.52 23.38
N ASP B 266 18.14 -9.37 22.06
CA ASP B 266 18.82 -8.33 21.28
C ASP B 266 18.44 -6.93 21.76
N ALA B 267 17.19 -6.77 22.19
CA ALA B 267 16.67 -5.52 22.72
C ALA B 267 17.30 -5.19 24.07
N VAL B 268 17.48 -6.22 24.89
CA VAL B 268 18.10 -6.09 26.21
C VAL B 268 19.60 -5.80 26.07
N LYS B 269 20.23 -6.48 25.11
CA LYS B 269 21.64 -6.19 24.76
C LYS B 269 21.78 -4.77 24.22
N SER B 270 20.81 -4.33 23.41
CA SER B 270 20.77 -2.96 22.90
C SER B 270 20.63 -1.97 24.05
N LYS B 271 19.81 -2.33 25.03
CA LYS B 271 19.56 -1.47 26.21
C LYS B 271 20.86 -1.14 26.91
N GLU B 272 21.61 -2.16 27.31
CA GLU B 272 22.86 -2.01 28.07
C GLU B 272 23.91 -1.24 27.27
N ILE B 273 24.10 -1.63 26.00
CA ILE B 273 25.04 -0.98 25.10
C ILE B 273 24.76 0.53 24.97
N LEU B 274 23.50 0.89 24.77
CA LEU B 274 23.12 2.30 24.66
C LEU B 274 23.23 3.06 26.00
N LYS B 275 23.05 2.37 27.12
CA LYS B 275 23.23 2.98 28.43
C LYS B 275 24.72 3.15 28.74
N GLU B 276 25.55 2.38 28.05
CA GLU B 276 27.00 2.51 28.16
C GLU B 276 27.49 3.71 27.36
N TYR B 277 26.85 3.97 26.21
CA TYR B 277 27.19 5.14 25.38
C TYR B 277 26.73 6.44 26.04
N LEU B 278 25.67 6.37 26.84
CA LEU B 278 25.19 7.53 27.58
C LEU B 278 26.16 7.88 28.69
N GLU B 279 26.84 6.87 29.25
CA GLU B 279 27.91 7.08 30.23
C GLU B 279 29.05 7.85 29.58
N ILE B 280 29.50 7.34 28.43
CA ILE B 280 30.59 7.93 27.65
C ILE B 280 30.24 9.35 27.17
N VAL B 281 28.95 9.60 26.95
CA VAL B 281 28.52 10.93 26.52
C VAL B 281 28.59 11.94 27.67
N ASN B 282 27.98 11.60 28.81
CA ASN B 282 27.82 12.55 29.90
C ASN B 282 29.11 12.98 30.59
N GLU B 283 30.12 12.12 30.57
CA GLU B 283 31.43 12.43 31.15
C GLU B 283 32.20 13.48 30.36
N LYS B 284 31.90 13.59 29.07
CA LYS B 284 32.52 14.60 28.20
C LYS B 284 32.21 16.01 28.68
N VAL B 285 30.98 16.21 29.13
CA VAL B 285 30.56 17.49 29.71
C VAL B 285 31.19 17.64 31.11
N ALA B 286 32.48 17.99 31.13
CA ALA B 286 33.23 18.12 32.37
C ALA B 286 33.77 19.53 32.56
MN MN C . -0.11 -2.48 -15.09
MN MN D . -4.89 -3.58 -13.27
MN MN E . 11.61 0.66 10.89
MN MN F . 7.22 3.18 12.89
#